data_1J6R
#
_entry.id   1J6R
#
_cell.length_a   119.396
_cell.length_b   60.740
_cell.length_c   81.574
_cell.angle_alpha   90.00
_cell.angle_beta   99.97
_cell.angle_gamma   90.00
#
_symmetry.space_group_name_H-M   'C 1 2 1'
#
loop_
_entity.id
_entity.type
_entity.pdbx_description
1 polymer 'METHIONINE SYNTHASE'
2 water water
#
_entity_poly.entity_id   1
_entity_poly.type   'polypeptide(L)'
_entity_poly.pdbx_seq_one_letter_code
;MGSDKIHHHHHHMPKVEIAPSEIKIPDNVLKAKLGFGGAEEIPEEFRKTVNRAYEELLDAAKPVVLWRDFEVDGSLSFDD
MRLTGELATKHLSGSKIITVFLATLGKKVDEKIEEYFRKGEDLLAFFIDGIASEMVEYALRKVDAELRMKRSNLEGSFRI
SPGYGDLPLSLNKKIAEIFKEEVDVNVIEDSYVLVPRKTITAFVGWREKNEKQT
;
_entity_poly.pdbx_strand_id   A,B
#
# COMPACT_ATOMS: atom_id res chain seq x y z
N HIS A 11 -5.38 -2.50 12.28
CA HIS A 11 -4.57 -1.28 11.95
C HIS A 11 -4.34 -1.16 10.43
N HIS A 12 -5.12 -0.31 9.80
CA HIS A 12 -5.12 -0.18 8.34
C HIS A 12 -4.02 0.80 7.89
N MET A 13 -2.93 0.27 7.31
CA MET A 13 -1.72 1.02 6.94
C MET A 13 -1.38 0.95 5.49
N PRO A 14 -2.14 1.60 4.65
CA PRO A 14 -1.85 1.55 3.23
C PRO A 14 -0.53 2.25 2.88
N LYS A 15 0.04 1.84 1.79
CA LYS A 15 1.30 2.34 1.33
C LYS A 15 1.30 2.19 -0.15
N VAL A 16 2.05 3.05 -0.81
CA VAL A 16 2.27 3.00 -2.22
C VAL A 16 3.80 3.11 -2.43
N GLU A 17 4.33 2.40 -3.39
CA GLU A 17 5.73 2.50 -3.77
C GLU A 17 5.73 3.15 -5.14
N ILE A 18 6.50 4.22 -5.31
CA ILE A 18 6.46 4.99 -6.53
C ILE A 18 7.82 4.95 -7.18
N ALA A 19 7.84 4.62 -8.47
CA ALA A 19 9.09 4.59 -9.19
C ALA A 19 9.65 5.99 -9.22
N PRO A 20 10.92 6.16 -8.87
CA PRO A 20 11.53 7.49 -8.81
C PRO A 20 11.35 8.33 -10.10
N SER A 21 11.39 7.71 -11.27
CA SER A 21 11.23 8.48 -12.51
C SER A 21 9.81 8.99 -12.77
N GLU A 22 8.83 8.46 -12.03
CA GLU A 22 7.44 8.92 -12.15
C GLU A 22 7.16 10.13 -11.28
N ILE A 23 8.16 10.63 -10.58
CA ILE A 23 7.96 11.79 -9.73
C ILE A 23 8.42 13.01 -10.48
N LYS A 24 7.46 13.81 -10.92
CA LYS A 24 7.78 14.97 -11.73
C LYS A 24 8.01 16.17 -10.84
N ILE A 25 9.26 16.60 -10.75
CA ILE A 25 9.56 17.83 -10.07
C ILE A 25 9.54 18.93 -11.13
N PRO A 26 8.83 20.02 -10.89
CA PRO A 26 8.81 21.14 -11.85
C PRO A 26 10.23 21.72 -12.04
N ASP A 27 10.62 21.99 -13.28
CA ASP A 27 11.96 22.55 -13.58
C ASP A 27 12.38 23.70 -12.68
N ASN A 28 11.50 24.68 -12.48
CA ASN A 28 11.85 25.86 -11.68
C ASN A 28 12.04 25.61 -10.20
N VAL A 29 11.39 24.57 -9.71
CA VAL A 29 11.58 24.16 -8.33
C VAL A 29 12.93 23.46 -8.19
N LEU A 30 13.22 22.56 -9.14
CA LEU A 30 14.49 21.85 -9.19
C LEU A 30 15.57 22.89 -9.31
N LYS A 31 15.51 23.61 -10.43
CA LYS A 31 16.47 24.65 -10.74
C LYS A 31 16.72 25.52 -9.54
N ALA A 32 15.69 25.99 -8.84
CA ALA A 32 15.93 26.79 -7.64
C ALA A 32 16.62 25.99 -6.55
N LYS A 33 16.27 24.71 -6.39
CA LYS A 33 16.81 23.90 -5.30
C LYS A 33 18.32 23.62 -5.49
N LEU A 34 18.78 23.63 -6.72
CA LEU A 34 20.18 23.33 -7.01
C LEU A 34 21.02 24.58 -7.28
N GLY A 35 20.56 25.78 -6.90
CA GLY A 35 21.32 27.01 -7.09
C GLY A 35 21.20 27.77 -8.42
N PHE A 36 20.27 27.37 -9.29
CA PHE A 36 19.99 28.09 -10.56
C PHE A 36 18.62 28.78 -10.57
N GLY A 37 18.26 29.40 -9.44
CA GLY A 37 16.97 30.04 -9.32
C GLY A 37 16.80 31.10 -10.38
N GLY A 38 15.81 30.91 -11.25
CA GLY A 38 15.50 31.90 -12.26
C GLY A 38 16.15 31.66 -13.60
N ALA A 39 17.43 31.30 -13.61
CA ALA A 39 18.07 30.91 -14.86
C ALA A 39 17.03 30.27 -15.75
N GLU A 40 17.06 30.62 -17.03
CA GLU A 40 16.15 30.06 -18.01
C GLU A 40 16.48 28.59 -18.25
N GLU A 41 17.79 28.30 -18.17
CA GLU A 41 18.29 26.93 -18.27
C GLU A 41 19.40 26.75 -17.24
N ILE A 42 19.64 25.49 -16.88
CA ILE A 42 20.81 25.13 -16.11
C ILE A 42 22.05 25.29 -16.99
N PRO A 43 23.03 26.08 -16.56
CA PRO A 43 24.23 26.32 -17.40
C PRO A 43 24.81 25.01 -18.01
N GLU A 44 25.32 25.10 -19.24
CA GLU A 44 25.85 23.95 -19.97
C GLU A 44 26.97 23.27 -19.19
N GLU A 45 27.70 24.06 -18.40
CA GLU A 45 28.81 23.56 -17.59
C GLU A 45 28.37 22.54 -16.50
N PHE A 46 27.11 22.60 -16.08
CA PHE A 46 26.59 21.71 -15.01
C PHE A 46 25.60 20.65 -15.47
N ARG A 47 25.35 20.58 -16.79
CA ARG A 47 24.31 19.70 -17.36
C ARG A 47 24.63 18.22 -17.12
N LYS A 48 25.84 17.80 -17.46
CA LYS A 48 26.26 16.41 -17.28
C LYS A 48 26.29 16.01 -15.79
N THR A 49 26.68 16.96 -14.92
CA THR A 49 26.77 16.72 -13.49
C THR A 49 25.40 16.50 -12.86
N VAL A 50 24.51 17.44 -13.14
CA VAL A 50 23.15 17.37 -12.64
C VAL A 50 22.53 16.12 -13.20
N ASN A 51 22.71 15.86 -14.48
CA ASN A 51 22.20 14.60 -15.05
C ASN A 51 22.66 13.38 -14.23
N ARG A 52 23.93 13.33 -13.85
CA ARG A 52 24.45 12.19 -13.07
C ARG A 52 23.87 12.18 -11.66
N ALA A 53 23.82 13.33 -11.01
CA ALA A 53 23.17 13.40 -9.71
C ALA A 53 21.77 12.80 -9.79
N TYR A 54 21.00 13.19 -10.81
CA TYR A 54 19.62 12.77 -10.94
C TYR A 54 19.62 11.30 -11.32
N GLU A 55 20.57 10.87 -12.15
CA GLU A 55 20.66 9.47 -12.54
C GLU A 55 21.02 8.61 -11.33
N GLU A 56 21.88 9.12 -10.47
CA GLU A 56 22.34 8.36 -9.32
C GLU A 56 21.16 8.18 -8.39
N LEU A 57 20.51 9.30 -8.10
CA LEU A 57 19.30 9.35 -7.30
C LEU A 57 18.20 8.38 -7.81
N LEU A 58 18.02 8.30 -9.13
CA LEU A 58 17.04 7.37 -9.66
C LEU A 58 17.42 5.92 -9.33
N ASP A 59 18.72 5.65 -9.36
CA ASP A 59 19.21 4.32 -9.09
C ASP A 59 19.04 3.95 -7.61
N ALA A 60 19.25 4.88 -6.69
CA ALA A 60 19.23 4.55 -5.26
C ALA A 60 17.91 4.74 -4.51
N ALA A 61 17.08 5.64 -5.01
CA ALA A 61 15.85 5.99 -4.29
C ALA A 61 14.76 4.93 -4.41
N LYS A 62 14.07 4.69 -3.32
CA LYS A 62 12.96 3.77 -3.31
C LYS A 62 11.83 4.46 -2.60
N PRO A 63 11.17 5.34 -3.33
CA PRO A 63 10.10 6.15 -2.78
C PRO A 63 8.91 5.34 -2.24
N VAL A 64 8.56 5.56 -0.99
CA VAL A 64 7.41 4.92 -0.41
C VAL A 64 6.64 5.98 0.37
N VAL A 65 5.32 6.03 0.21
CA VAL A 65 4.47 6.87 1.03
C VAL A 65 3.42 6.03 1.71
N LEU A 66 3.32 6.18 3.02
CA LEU A 66 2.38 5.43 3.83
C LEU A 66 1.48 6.44 4.51
N TRP A 67 0.26 6.01 4.82
CA TRP A 67 -0.63 6.87 5.57
C TRP A 67 -1.53 6.10 6.50
N ARG A 68 -2.26 6.85 7.31
CA ARG A 68 -3.20 6.30 8.26
C ARG A 68 -4.25 7.33 8.61
N ASP A 69 -5.51 6.94 8.50
CA ASP A 69 -6.65 7.80 8.78
C ASP A 69 -7.17 7.52 10.18
N PHE A 70 -7.47 8.60 10.91
CA PHE A 70 -8.08 8.53 12.24
C PHE A 70 -9.43 9.21 12.23
N GLU A 71 -10.43 8.56 12.82
CA GLU A 71 -11.72 9.22 13.04
C GLU A 71 -11.62 10.02 14.35
N VAL A 72 -11.78 11.34 14.27
CA VAL A 72 -11.56 12.22 15.44
C VAL A 72 -12.72 13.19 15.80
N ASP A 73 -13.56 13.51 14.83
CA ASP A 73 -14.61 14.53 14.97
C ASP A 73 -14.25 15.69 15.93
N GLY A 74 -13.60 16.71 15.38
CA GLY A 74 -13.39 17.97 16.08
C GLY A 74 -12.17 17.98 16.99
N SER A 75 -11.95 16.89 17.71
CA SER A 75 -10.86 16.83 18.67
C SER A 75 -9.52 16.81 17.95
N LEU A 76 -8.48 17.20 18.67
CA LEU A 76 -7.13 17.27 18.13
C LEU A 76 -6.22 16.29 18.86
N SER A 77 -6.78 15.17 19.29
CA SER A 77 -5.99 14.13 19.93
C SER A 77 -6.48 12.73 19.54
N PHE A 78 -5.54 11.81 19.32
CA PHE A 78 -5.85 10.45 18.92
C PHE A 78 -4.77 9.48 19.42
N ASP A 79 -4.31 8.59 18.56
CA ASP A 79 -3.42 7.54 19.03
C ASP A 79 -2.14 8.08 19.62
N ASP A 80 -2.12 8.21 20.95
CA ASP A 80 -0.92 8.55 21.71
C ASP A 80 -0.35 9.95 21.46
N MET A 81 -1.04 10.78 20.68
CA MET A 81 -0.56 12.14 20.42
C MET A 81 -1.68 13.19 20.55
N ARG A 82 -1.25 14.44 20.74
CA ARG A 82 -2.17 15.55 20.94
C ARG A 82 -1.57 16.78 20.28
N LEU A 83 -2.26 17.33 19.29
CA LEU A 83 -1.72 18.44 18.50
C LEU A 83 -1.95 19.76 19.23
N THR A 84 -0.88 20.54 19.43
CA THR A 84 -0.91 21.61 20.43
C THR A 84 -0.94 23.05 19.91
N GLY A 85 -0.14 23.37 18.90
CA GLY A 85 0.07 24.77 18.54
C GLY A 85 -1.14 25.54 18.04
N GLU A 86 -0.88 26.78 17.60
CA GLU A 86 -1.91 27.61 16.97
C GLU A 86 -2.12 27.26 15.49
N LEU A 87 -1.06 26.78 14.83
CA LEU A 87 -1.15 26.34 13.43
C LEU A 87 -2.13 25.15 13.32
N ALA A 88 -1.99 24.20 14.25
CA ALA A 88 -2.86 23.05 14.35
C ALA A 88 -4.32 23.47 14.36
N THR A 89 -4.65 24.43 15.21
CA THR A 89 -6.04 24.83 15.36
C THR A 89 -6.56 25.46 14.08
N LYS A 90 -5.77 26.35 13.49
CA LYS A 90 -6.22 27.07 12.29
C LYS A 90 -6.68 26.07 11.21
N HIS A 91 -5.88 25.04 10.97
CA HIS A 91 -6.08 24.14 9.82
C HIS A 91 -6.81 22.84 10.14
N LEU A 92 -6.49 22.24 11.29
CA LEU A 92 -6.96 20.89 11.62
C LEU A 92 -8.17 20.77 12.54
N SER A 93 -8.54 21.83 13.26
CA SER A 93 -9.64 21.73 14.21
C SER A 93 -11.00 21.64 13.50
N GLY A 94 -11.96 21.02 14.16
CA GLY A 94 -13.29 20.87 13.60
C GLY A 94 -13.27 20.01 12.35
N SER A 95 -12.64 18.84 12.45
CA SER A 95 -12.52 17.96 11.29
C SER A 95 -12.88 16.54 11.70
N LYS A 96 -13.49 15.80 10.76
CA LYS A 96 -13.98 14.45 11.05
C LYS A 96 -12.86 13.43 10.96
N ILE A 97 -11.96 13.60 9.99
CA ILE A 97 -10.80 12.72 9.88
C ILE A 97 -9.51 13.52 9.79
N ILE A 98 -8.47 13.03 10.47
CA ILE A 98 -7.11 13.51 10.26
C ILE A 98 -6.20 12.38 9.76
N THR A 99 -5.57 12.61 8.63
CA THR A 99 -4.62 11.68 8.08
C THR A 99 -3.20 12.06 8.50
N VAL A 100 -2.44 11.07 8.92
CA VAL A 100 -1.01 11.23 9.10
C VAL A 100 -0.26 10.56 7.94
N PHE A 101 0.65 11.29 7.32
CA PHE A 101 1.46 10.75 6.23
C PHE A 101 2.89 10.55 6.67
N LEU A 102 3.55 9.53 6.12
CA LEU A 102 5.00 9.37 6.17
C LEU A 102 5.53 9.07 4.78
N ALA A 103 6.52 9.83 4.30
CA ALA A 103 7.11 9.60 2.97
C ALA A 103 8.61 9.43 3.13
N THR A 104 9.23 8.49 2.41
CA THR A 104 10.68 8.27 2.57
C THR A 104 11.29 7.81 1.26
N LEU A 105 12.58 8.03 1.07
CA LEU A 105 13.25 7.51 -0.12
C LEU A 105 14.14 6.31 0.20
N GLY A 106 14.26 5.97 1.48
CA GLY A 106 15.04 4.82 1.89
C GLY A 106 16.49 5.18 2.21
N LYS A 107 17.20 4.20 2.77
CA LYS A 107 18.52 4.43 3.30
C LYS A 107 19.61 4.44 2.23
N LYS A 108 19.40 3.79 1.10
CA LYS A 108 20.40 3.83 0.06
C LYS A 108 20.69 5.24 -0.46
N VAL A 109 19.72 6.16 -0.35
CA VAL A 109 19.93 7.54 -0.75
C VAL A 109 20.99 8.18 0.14
N ASP A 110 20.83 7.98 1.44
CA ASP A 110 21.76 8.46 2.45
C ASP A 110 23.16 7.94 2.18
N GLU A 111 23.23 6.66 1.81
CA GLU A 111 24.51 6.01 1.63
C GLU A 111 25.21 6.58 0.40
N LYS A 112 24.45 6.91 -0.64
CA LYS A 112 25.05 7.46 -1.84
C LYS A 112 25.56 8.90 -1.60
N ILE A 113 24.79 9.70 -0.89
CA ILE A 113 25.27 11.03 -0.51
C ILE A 113 26.58 10.92 0.25
N GLU A 114 26.64 10.08 1.29
CA GLU A 114 27.85 9.88 2.05
C GLU A 114 29.01 9.34 1.21
N GLU A 115 28.74 8.39 0.35
CA GLU A 115 29.75 7.90 -0.56
C GLU A 115 30.41 9.04 -1.32
N TYR A 116 29.66 10.05 -1.79
CA TYR A 116 30.30 11.10 -2.59
C TYR A 116 31.03 12.14 -1.75
N PHE A 117 30.55 12.42 -0.55
CA PHE A 117 31.28 13.25 0.38
C PHE A 117 32.63 12.59 0.69
N ARG A 118 32.62 11.26 0.85
CA ARG A 118 33.82 10.50 1.15
C ARG A 118 34.83 10.53 0.01
N LYS A 119 34.35 10.57 -1.23
CA LYS A 119 35.22 10.69 -2.39
C LYS A 119 35.59 12.14 -2.65
N GLY A 120 35.09 13.06 -1.84
CA GLY A 120 35.36 14.48 -2.05
C GLY A 120 34.65 15.12 -3.24
N GLU A 121 33.57 14.51 -3.70
CA GLU A 121 32.74 15.12 -4.72
C GLU A 121 31.55 15.79 -4.06
N ASP A 122 31.82 16.92 -3.40
CA ASP A 122 30.81 17.59 -2.58
C ASP A 122 29.73 18.28 -3.39
N LEU A 123 30.02 18.73 -4.59
CA LEU A 123 29.02 19.37 -5.43
C LEU A 123 28.00 18.34 -5.89
N LEU A 124 28.49 17.25 -6.47
CA LEU A 124 27.63 16.13 -6.80
C LEU A 124 26.79 15.75 -5.61
N ALA A 125 27.40 15.63 -4.44
CA ALA A 125 26.60 15.18 -3.31
C ALA A 125 25.50 16.22 -3.01
N PHE A 126 25.81 17.49 -3.32
CA PHE A 126 24.89 18.61 -3.12
C PHE A 126 23.75 18.57 -4.12
N PHE A 127 24.03 18.40 -5.38
CA PHE A 127 22.98 18.17 -6.33
C PHE A 127 22.07 17.00 -5.87
N ILE A 128 22.66 15.87 -5.48
CA ILE A 128 21.90 14.69 -5.12
C ILE A 128 21.03 14.96 -3.91
N ASP A 129 21.60 15.59 -2.90
CA ASP A 129 20.86 15.86 -1.71
C ASP A 129 19.65 16.78 -1.97
N GLY A 130 19.76 17.66 -2.97
CA GLY A 130 18.75 18.65 -3.24
C GLY A 130 17.65 18.11 -4.11
N ILE A 131 18.00 17.32 -5.12
CA ILE A 131 16.99 16.67 -5.90
C ILE A 131 16.21 15.72 -4.98
N ALA A 132 16.86 15.18 -3.96
CA ALA A 132 16.28 14.14 -3.12
C ALA A 132 15.29 14.75 -2.17
N SER A 133 15.62 15.91 -1.62
CA SER A 133 14.71 16.69 -0.78
C SER A 133 13.38 17.04 -1.51
N GLU A 134 13.48 17.40 -2.77
CA GLU A 134 12.32 17.66 -3.60
C GLU A 134 11.62 16.39 -4.08
N MET A 135 12.36 15.31 -4.29
CA MET A 135 11.75 14.05 -4.71
C MET A 135 10.79 13.50 -3.64
N VAL A 136 11.19 13.56 -2.38
CA VAL A 136 10.36 13.04 -1.32
C VAL A 136 9.17 13.96 -1.04
N GLU A 137 9.33 15.26 -1.30
CA GLU A 137 8.22 16.20 -1.20
C GLU A 137 7.17 15.92 -2.25
N TYR A 138 7.59 15.77 -3.49
CA TYR A 138 6.64 15.55 -4.56
C TYR A 138 6.09 14.13 -4.58
N ALA A 139 6.78 13.19 -3.95
CA ALA A 139 6.18 11.88 -3.73
C ALA A 139 4.99 12.03 -2.81
N LEU A 140 5.18 12.73 -1.70
CA LEU A 140 4.09 12.99 -0.77
C LEU A 140 2.94 13.76 -1.44
N ARG A 141 3.26 14.80 -2.20
CA ARG A 141 2.24 15.57 -2.92
C ARG A 141 1.44 14.73 -3.90
N LYS A 142 2.11 13.86 -4.63
CA LYS A 142 1.42 12.93 -5.55
C LYS A 142 0.28 12.19 -4.83
N VAL A 143 0.55 11.72 -3.62
CA VAL A 143 -0.41 10.89 -2.93
C VAL A 143 -1.45 11.73 -2.22
N ASP A 144 -1.02 12.86 -1.67
CA ASP A 144 -1.90 13.84 -1.08
C ASP A 144 -2.96 14.20 -2.11
N ALA A 145 -2.56 14.45 -3.34
CA ALA A 145 -3.49 14.77 -4.39
C ALA A 145 -4.45 13.61 -4.73
N GLU A 146 -3.96 12.38 -4.83
CA GLU A 146 -4.86 11.25 -5.08
C GLU A 146 -5.91 11.20 -4.02
N LEU A 147 -5.54 11.37 -2.77
CA LEU A 147 -6.52 11.29 -1.70
C LEU A 147 -7.54 12.42 -1.82
N ARG A 148 -7.09 13.61 -2.24
CA ARG A 148 -8.01 14.72 -2.46
C ARG A 148 -9.03 14.42 -3.57
N MET A 149 -8.56 13.94 -4.72
CA MET A 149 -9.44 13.62 -5.84
C MET A 149 -10.44 12.50 -5.50
N LYS A 150 -10.03 11.47 -4.77
CA LYS A 150 -10.92 10.38 -4.33
C LYS A 150 -12.03 10.86 -3.41
N ARG A 151 -11.68 11.72 -2.48
CA ARG A 151 -12.56 12.06 -1.38
C ARG A 151 -13.42 13.32 -1.67
N SER A 152 -14.34 13.17 -2.64
CA SER A 152 -15.21 14.27 -3.09
C SER A 152 -16.15 14.76 -2.01
N ASN A 153 -16.61 13.86 -1.16
CA ASN A 153 -17.49 14.21 -0.07
C ASN A 153 -16.83 15.02 1.04
N LEU A 154 -15.57 15.42 0.84
CA LEU A 154 -14.76 16.03 1.90
C LEU A 154 -13.92 17.21 1.43
N GLU A 155 -13.52 18.07 2.37
CA GLU A 155 -12.62 19.18 2.10
C GLU A 155 -11.33 18.96 2.87
N GLY A 156 -10.22 18.88 2.16
CA GLY A 156 -8.94 18.64 2.77
C GLY A 156 -8.29 19.92 3.23
N SER A 157 -7.77 19.93 4.44
CA SER A 157 -7.05 21.08 4.94
C SER A 157 -5.77 21.31 4.14
N PHE A 158 -5.06 22.36 4.53
CA PHE A 158 -3.68 22.52 4.14
C PHE A 158 -2.88 21.41 4.79
N ARG A 159 -1.75 21.06 4.19
CA ARG A 159 -0.89 20.00 4.68
C ARG A 159 0.12 20.62 5.61
N ILE A 160 0.26 20.11 6.83
CA ILE A 160 1.23 20.67 7.77
C ILE A 160 2.17 19.64 8.37
N SER A 161 3.45 19.99 8.47
CA SER A 161 4.43 19.09 9.01
C SER A 161 4.85 19.54 10.40
N PRO A 162 5.22 18.58 11.24
CA PRO A 162 5.90 18.88 12.51
C PRO A 162 7.11 19.78 12.32
N GLY A 163 7.25 20.78 13.19
CA GLY A 163 8.37 21.71 13.15
C GLY A 163 8.08 22.98 12.37
N TYR A 164 6.92 23.05 11.72
CA TYR A 164 6.51 24.24 11.00
C TYR A 164 5.61 25.03 11.94
N GLY A 165 5.95 26.29 12.16
CA GLY A 165 5.25 27.09 13.16
C GLY A 165 5.28 26.44 14.53
N ASP A 166 4.10 26.37 15.16
CA ASP A 166 3.98 25.99 16.57
C ASP A 166 3.82 24.49 16.78
N LEU A 167 3.90 23.72 15.69
CA LEU A 167 3.69 22.28 15.75
C LEU A 167 4.97 21.60 16.22
N PRO A 168 4.90 20.96 17.37
CA PRO A 168 6.09 20.36 17.98
C PRO A 168 6.83 19.40 17.04
N LEU A 169 8.14 19.57 16.92
CA LEU A 169 8.96 18.61 16.18
C LEU A 169 8.90 17.24 16.86
N SER A 170 8.57 17.21 18.15
CA SER A 170 8.54 15.97 18.91
C SER A 170 7.60 14.92 18.32
N LEU A 171 6.66 15.38 17.49
CA LEU A 171 5.67 14.53 16.86
C LEU A 171 6.30 13.55 15.86
N ASN A 172 7.44 13.92 15.29
CA ASN A 172 8.12 12.99 14.41
C ASN A 172 8.24 11.66 15.11
N LYS A 173 8.57 11.67 16.39
CA LYS A 173 8.77 10.43 17.14
C LYS A 173 7.50 9.60 17.26
N LYS A 174 6.35 10.27 17.36
CA LYS A 174 5.07 9.58 17.50
C LYS A 174 4.69 8.91 16.19
N ILE A 175 4.78 9.67 15.12
CA ILE A 175 4.49 9.17 13.78
C ILE A 175 5.42 8.03 13.36
N ALA A 176 6.70 8.16 13.65
CA ALA A 176 7.63 7.07 13.38
C ALA A 176 7.10 5.79 13.98
N GLU A 177 6.59 5.88 15.19
CA GLU A 177 6.17 4.69 15.93
C GLU A 177 5.01 4.01 15.21
N ILE A 178 4.12 4.82 14.67
CA ILE A 178 2.96 4.33 13.94
C ILE A 178 3.33 3.42 12.79
N PHE A 179 4.40 3.75 12.07
CA PHE A 179 4.75 3.08 10.84
C PHE A 179 5.97 2.20 10.95
N LYS A 180 6.50 2.07 12.17
CA LYS A 180 7.73 1.33 12.44
C LYS A 180 7.79 -0.05 11.82
N GLU A 181 6.66 -0.76 11.82
CA GLU A 181 6.60 -2.14 11.35
C GLU A 181 6.36 -2.22 9.85
N GLU A 182 5.93 -1.12 9.24
CA GLU A 182 5.64 -1.11 7.82
C GLU A 182 6.81 -0.62 7.00
N VAL A 183 7.78 0.03 7.63
CA VAL A 183 8.86 0.66 6.89
C VAL A 183 10.06 0.91 7.80
N ASP A 184 11.25 0.89 7.23
CA ASP A 184 12.48 1.08 7.99
C ASP A 184 12.65 2.55 8.33
N VAL A 185 12.25 2.92 9.53
CA VAL A 185 12.29 4.29 9.96
C VAL A 185 12.43 4.40 11.45
N ASN A 186 13.32 5.28 11.90
CA ASN A 186 13.45 5.61 13.30
C ASN A 186 13.72 7.09 13.47
N VAL A 187 13.77 7.50 14.73
CA VAL A 187 14.19 8.82 15.09
C VAL A 187 15.37 8.70 16.02
N ILE A 188 16.27 7.76 15.72
CA ILE A 188 17.39 7.41 16.62
C ILE A 188 18.01 8.65 17.34
N GLU A 189 17.75 9.85 16.82
CA GLU A 189 18.20 11.08 17.49
C GLU A 189 17.16 11.74 18.42
N ASP A 190 17.64 12.12 19.61
CA ASP A 190 16.82 12.80 20.63
C ASP A 190 16.52 14.27 20.31
N SER A 191 16.90 14.69 19.09
CA SER A 191 16.44 15.97 18.54
C SER A 191 15.25 15.73 17.58
N TYR A 192 14.67 14.53 17.68
CA TYR A 192 13.52 14.14 16.88
C TYR A 192 13.78 14.14 15.36
N VAL A 193 15.01 13.84 14.96
CA VAL A 193 15.36 13.88 13.55
C VAL A 193 15.18 12.48 12.97
N LEU A 194 14.55 12.39 11.80
CA LEU A 194 14.20 11.10 11.21
C LEU A 194 15.34 10.47 10.41
N VAL A 195 15.43 9.14 10.51
CA VAL A 195 16.36 8.33 9.75
C VAL A 195 15.58 7.22 9.07
N PRO A 196 15.82 6.94 7.81
CA PRO A 196 16.72 7.70 6.93
C PRO A 196 16.36 9.18 6.74
N ARG A 197 17.36 9.95 6.34
CA ARG A 197 17.30 11.42 6.35
C ARG A 197 16.26 12.04 5.43
N LYS A 198 16.07 11.49 4.25
CA LYS A 198 15.03 11.99 3.36
C LYS A 198 13.70 11.32 3.68
N THR A 199 13.19 11.65 4.86
CA THR A 199 11.93 11.16 5.35
C THR A 199 11.20 12.38 5.87
N ILE A 200 9.90 12.41 5.62
CA ILE A 200 9.09 13.58 5.82
C ILE A 200 7.72 13.18 6.37
N THR A 201 7.15 14.04 7.17
CA THR A 201 5.91 13.74 7.87
C THR A 201 4.91 14.87 7.63
N ALA A 202 3.61 14.56 7.71
CA ALA A 202 2.57 15.57 7.49
C ALA A 202 1.23 15.12 8.00
N PHE A 203 0.36 16.08 8.22
CA PHE A 203 -1.02 15.86 8.62
C PHE A 203 -1.92 16.54 7.62
N VAL A 204 -3.07 15.93 7.35
CA VAL A 204 -4.09 16.61 6.58
C VAL A 204 -5.41 16.37 7.25
N GLY A 205 -6.21 17.42 7.36
CA GLY A 205 -7.52 17.33 7.99
C GLY A 205 -8.61 17.34 6.94
N TRP A 206 -9.73 16.72 7.29
CA TRP A 206 -10.83 16.49 6.36
C TRP A 206 -12.16 16.89 7.01
N ARG A 207 -12.81 17.91 6.47
CA ARG A 207 -14.08 18.43 7.04
C ARG A 207 -15.29 17.80 6.33
N HIS B 11 -1.87 7.02 -11.37
CA HIS B 11 -2.40 5.65 -11.05
C HIS B 11 -2.21 5.29 -9.56
N HIS B 12 -3.31 5.22 -8.82
CA HIS B 12 -3.26 5.07 -7.36
C HIS B 12 -3.52 3.62 -6.95
N MET B 13 -2.47 2.97 -6.47
CA MET B 13 -2.42 1.52 -6.20
C MET B 13 -2.05 1.23 -4.78
N PRO B 14 -2.91 1.52 -3.84
CA PRO B 14 -2.60 1.25 -2.46
C PRO B 14 -2.42 -0.25 -2.19
N LYS B 15 -1.69 -0.56 -1.14
CA LYS B 15 -1.44 -1.93 -0.77
C LYS B 15 -1.20 -2.04 0.69
N VAL B 16 -1.52 -3.20 1.21
CA VAL B 16 -1.33 -3.49 2.61
C VAL B 16 -0.59 -4.83 2.69
N GLU B 17 0.32 -4.97 3.64
CA GLU B 17 0.96 -6.26 3.93
C GLU B 17 0.50 -6.70 5.27
N ILE B 18 0.01 -7.93 5.36
CA ILE B 18 -0.53 -8.44 6.60
C ILE B 18 0.28 -9.60 7.13
N ALA B 19 0.63 -9.55 8.39
CA ALA B 19 1.35 -10.63 9.04
C ALA B 19 0.43 -11.84 9.04
N PRO B 20 0.95 -12.97 8.55
CA PRO B 20 0.19 -14.21 8.45
C PRO B 20 -0.59 -14.57 9.71
N SER B 21 -0.02 -14.33 10.89
CA SER B 21 -0.69 -14.62 12.17
C SER B 21 -1.86 -13.71 12.48
N GLU B 22 -1.96 -12.55 11.82
CA GLU B 22 -3.07 -11.62 12.06
C GLU B 22 -4.30 -11.97 11.24
N ILE B 23 -4.22 -13.02 10.44
CA ILE B 23 -5.36 -13.44 9.62
C ILE B 23 -6.08 -14.57 10.32
N LYS B 24 -7.28 -14.31 10.81
CA LYS B 24 -7.97 -15.23 11.68
C LYS B 24 -9.02 -15.98 10.88
N ILE B 25 -8.77 -17.26 10.62
CA ILE B 25 -9.72 -18.07 9.88
C ILE B 25 -10.62 -18.76 10.90
N PRO B 26 -11.94 -18.73 10.71
CA PRO B 26 -12.82 -19.41 11.66
C PRO B 26 -12.65 -20.95 11.62
N ASP B 27 -12.43 -21.55 12.77
CA ASP B 27 -12.30 -23.02 12.89
C ASP B 27 -13.21 -23.79 11.93
N ASN B 28 -14.51 -23.53 11.95
CA ASN B 28 -15.46 -24.27 11.15
C ASN B 28 -15.21 -24.08 9.67
N VAL B 29 -14.60 -22.97 9.29
CA VAL B 29 -14.28 -22.79 7.86
C VAL B 29 -13.17 -23.76 7.42
N LEU B 30 -12.19 -23.99 8.29
CA LEU B 30 -11.09 -24.90 7.95
C LEU B 30 -11.62 -26.30 7.76
N LYS B 31 -12.33 -26.77 8.79
CA LYS B 31 -12.88 -28.09 8.82
C LYS B 31 -13.67 -28.30 7.55
N ALA B 32 -14.65 -27.45 7.26
CA ALA B 32 -15.42 -27.62 6.02
C ALA B 32 -14.57 -27.68 4.70
N LYS B 33 -13.53 -26.86 4.60
CA LYS B 33 -12.66 -26.87 3.41
C LYS B 33 -12.05 -28.28 3.23
N LEU B 34 -11.65 -28.85 4.37
CA LEU B 34 -10.95 -30.13 4.50
C LEU B 34 -11.84 -31.37 4.70
N GLY B 35 -13.15 -31.21 4.45
CA GLY B 35 -14.11 -32.31 4.49
C GLY B 35 -14.49 -32.72 5.89
N PHE B 36 -14.46 -31.80 6.85
CA PHE B 36 -14.73 -32.19 8.23
C PHE B 36 -15.97 -31.56 8.82
N GLY B 37 -16.90 -32.41 9.27
CA GLY B 37 -18.13 -31.94 9.89
C GLY B 37 -17.72 -31.05 11.04
N GLY B 38 -18.66 -30.24 11.54
CA GLY B 38 -18.44 -29.50 12.78
C GLY B 38 -18.15 -30.47 13.92
N ALA B 39 -16.92 -31.01 13.91
CA ALA B 39 -16.51 -32.04 14.85
C ALA B 39 -15.80 -31.39 16.05
N GLU B 40 -15.74 -30.05 16.03
CA GLU B 40 -15.14 -29.21 17.10
C GLU B 40 -13.65 -29.47 17.37
N GLU B 41 -13.24 -30.74 17.25
CA GLU B 41 -11.87 -31.07 16.89
C GLU B 41 -11.92 -32.14 15.78
N ILE B 42 -10.92 -32.11 14.91
CA ILE B 42 -10.82 -33.06 13.79
C ILE B 42 -10.21 -34.36 14.34
N PRO B 43 -10.63 -35.51 13.79
CA PRO B 43 -10.03 -36.81 14.16
C PRO B 43 -8.51 -36.71 14.43
N GLU B 44 -8.03 -37.31 15.53
CA GLU B 44 -6.62 -37.21 15.95
C GLU B 44 -5.59 -37.68 14.89
N GLU B 45 -6.05 -38.57 14.03
CA GLU B 45 -5.22 -39.16 12.98
C GLU B 45 -4.89 -38.13 11.87
N PHE B 46 -5.76 -37.14 11.66
CA PHE B 46 -5.49 -36.07 10.70
C PHE B 46 -5.05 -34.80 11.41
N ARG B 47 -5.10 -34.80 12.73
CA ARG B 47 -4.93 -33.59 13.53
C ARG B 47 -3.48 -33.08 13.56
N LYS B 48 -2.51 -33.96 13.68
CA LYS B 48 -1.12 -33.53 13.64
C LYS B 48 -0.77 -32.89 12.29
N THR B 49 -1.40 -33.37 11.22
CA THR B 49 -1.13 -32.83 9.88
C THR B 49 -1.71 -31.44 9.61
N VAL B 50 -2.93 -31.22 10.09
CA VAL B 50 -3.52 -29.90 10.05
C VAL B 50 -2.62 -28.92 10.82
N ASN B 51 -2.29 -29.25 12.07
CA ASN B 51 -1.39 -28.43 12.88
C ASN B 51 -0.19 -28.03 12.08
N ARG B 52 0.48 -28.99 11.46
CA ARG B 52 1.75 -28.70 10.81
C ARG B 52 1.62 -27.89 9.53
N ALA B 53 0.55 -28.14 8.80
CA ALA B 53 0.25 -27.36 7.63
C ALA B 53 0.18 -25.89 8.03
N TYR B 54 -0.67 -25.57 8.98
CA TYR B 54 -0.81 -24.18 9.42
C TYR B 54 0.53 -23.55 9.82
N GLU B 55 1.44 -24.33 10.39
CA GLU B 55 2.69 -23.75 10.88
C GLU B 55 3.65 -23.41 9.74
N GLU B 56 3.70 -24.30 8.77
CA GLU B 56 4.52 -24.08 7.59
C GLU B 56 3.97 -22.89 6.81
N LEU B 57 2.64 -22.75 6.77
CA LEU B 57 2.03 -21.67 6.06
C LEU B 57 2.36 -20.31 6.70
N LEU B 58 2.33 -20.26 8.03
CA LEU B 58 2.62 -19.02 8.76
C LEU B 58 4.01 -18.57 8.39
N ASP B 59 4.85 -19.54 8.09
CA ASP B 59 6.24 -19.27 7.79
C ASP B 59 6.54 -18.85 6.37
N ALA B 60 5.85 -19.41 5.38
CA ALA B 60 6.18 -19.11 3.99
C ALA B 60 5.36 -17.96 3.41
N ALA B 61 4.23 -17.65 4.04
CA ALA B 61 3.26 -16.73 3.41
C ALA B 61 3.63 -15.26 3.62
N LYS B 62 3.53 -14.49 2.56
CA LYS B 62 3.69 -13.04 2.59
C LYS B 62 2.44 -12.41 2.02
N PRO B 63 1.44 -12.27 2.85
CA PRO B 63 0.15 -11.79 2.40
C PRO B 63 0.20 -10.33 2.03
N VAL B 64 -0.19 -10.02 0.81
CA VAL B 64 -0.30 -8.65 0.34
C VAL B 64 -1.69 -8.48 -0.26
N VAL B 65 -2.37 -7.40 0.07
CA VAL B 65 -3.59 -7.06 -0.64
C VAL B 65 -3.52 -5.68 -1.26
N LEU B 66 -3.85 -5.60 -2.53
CA LEU B 66 -3.81 -4.38 -3.35
C LEU B 66 -5.20 -4.01 -3.86
N TRP B 67 -5.46 -2.73 -4.03
CA TRP B 67 -6.71 -2.31 -4.65
C TRP B 67 -6.61 -1.08 -5.54
N ARG B 68 -7.76 -0.78 -6.13
CA ARG B 68 -7.95 0.35 -7.00
C ARG B 68 -9.44 0.70 -7.07
N ASP B 69 -9.72 1.99 -6.87
CA ASP B 69 -11.07 2.50 -6.87
C ASP B 69 -11.37 3.13 -8.25
N PHE B 70 -12.62 2.96 -8.68
CA PHE B 70 -13.13 3.54 -9.94
C PHE B 70 -14.44 4.22 -9.68
N GLU B 71 -14.53 5.49 -10.06
CA GLU B 71 -15.82 6.18 -10.08
C GLU B 71 -16.54 5.81 -11.38
N VAL B 72 -17.74 5.26 -11.22
CA VAL B 72 -18.49 4.63 -12.33
C VAL B 72 -19.82 5.27 -12.67
N ASP B 73 -20.48 5.83 -11.66
CA ASP B 73 -21.82 6.43 -11.80
C ASP B 73 -22.91 5.51 -12.40
N GLY B 74 -22.96 4.27 -11.90
CA GLY B 74 -24.06 3.35 -12.18
C GLY B 74 -23.82 2.33 -13.28
N SER B 75 -22.98 2.68 -14.23
CA SER B 75 -22.70 1.78 -15.33
C SER B 75 -21.73 0.71 -14.83
N LEU B 76 -21.74 -0.42 -15.52
CA LEU B 76 -20.95 -1.57 -15.11
C LEU B 76 -19.82 -1.90 -16.08
N SER B 77 -19.21 -0.87 -16.66
CA SER B 77 -18.00 -1.09 -17.41
C SER B 77 -17.14 0.13 -17.23
N PHE B 78 -15.84 -0.08 -17.05
CA PHE B 78 -14.86 1.01 -17.05
C PHE B 78 -13.71 0.68 -18.00
N ASP B 79 -12.45 0.86 -17.56
CA ASP B 79 -11.25 0.68 -18.35
C ASP B 79 -10.92 -0.75 -18.68
N ASP B 80 -11.04 -1.12 -19.95
CA ASP B 80 -10.70 -2.49 -20.21
C ASP B 80 -11.46 -3.58 -19.48
N MET B 81 -12.67 -3.27 -19.11
CA MET B 81 -13.46 -4.39 -18.70
C MET B 81 -14.89 -4.00 -18.77
N ARG B 82 -15.73 -4.92 -19.20
CA ARG B 82 -17.18 -4.63 -19.18
C ARG B 82 -17.90 -5.86 -18.69
N LEU B 83 -18.61 -5.68 -17.59
CA LEU B 83 -19.29 -6.77 -16.89
C LEU B 83 -20.75 -6.95 -17.32
N THR B 84 -21.28 -8.18 -17.22
CA THR B 84 -22.53 -8.53 -17.91
C THR B 84 -23.42 -9.60 -17.26
N GLY B 85 -23.21 -9.93 -16.00
CA GLY B 85 -24.04 -10.95 -15.39
C GLY B 85 -25.36 -10.43 -14.89
N GLU B 86 -26.17 -11.30 -14.24
CA GLU B 86 -27.38 -10.90 -13.48
C GLU B 86 -27.04 -10.65 -11.99
N LEU B 87 -25.97 -11.34 -11.55
CA LEU B 87 -25.36 -11.18 -10.23
C LEU B 87 -24.50 -9.87 -10.16
N ALA B 88 -23.96 -9.49 -11.32
CA ALA B 88 -23.33 -8.19 -11.52
C ALA B 88 -24.37 -7.06 -11.58
N THR B 89 -25.43 -7.29 -12.35
CA THR B 89 -26.49 -6.32 -12.47
C THR B 89 -27.22 -6.08 -11.16
N LYS B 90 -27.56 -7.14 -10.42
CA LYS B 90 -28.41 -6.99 -9.23
C LYS B 90 -27.62 -6.45 -8.04
N HIS B 91 -26.31 -6.69 -8.04
CA HIS B 91 -25.45 -6.34 -6.90
C HIS B 91 -24.43 -5.23 -7.21
N LEU B 92 -24.06 -5.03 -8.48
CA LEU B 92 -23.06 -4.01 -8.84
C LEU B 92 -23.49 -2.79 -9.68
N SER B 93 -24.59 -2.84 -10.46
CA SER B 93 -24.98 -1.62 -11.19
C SER B 93 -25.53 -0.59 -10.23
N GLY B 94 -25.62 0.66 -10.69
CA GLY B 94 -26.14 1.73 -9.86
C GLY B 94 -25.22 2.21 -8.75
N SER B 95 -23.95 1.84 -8.79
CA SER B 95 -23.00 2.26 -7.74
C SER B 95 -22.21 3.53 -8.14
N LYS B 96 -21.77 4.31 -7.14
CA LYS B 96 -20.88 5.45 -7.43
C LYS B 96 -19.48 4.95 -7.78
N ILE B 97 -19.00 4.00 -6.97
CA ILE B 97 -17.63 3.48 -7.01
C ILE B 97 -17.61 1.96 -7.15
N ILE B 98 -16.70 1.48 -7.98
CA ILE B 98 -16.36 0.06 -8.04
C ILE B 98 -14.86 -0.29 -7.82
N THR B 99 -14.61 -1.00 -6.72
CA THR B 99 -13.28 -1.41 -6.33
C THR B 99 -12.87 -2.79 -6.89
N VAL B 100 -11.69 -2.84 -7.46
CA VAL B 100 -11.04 -4.06 -7.90
C VAL B 100 -9.87 -4.44 -6.94
N PHE B 101 -9.91 -5.63 -6.36
CA PHE B 101 -8.88 -6.10 -5.47
C PHE B 101 -8.00 -7.19 -6.05
N LEU B 102 -6.86 -7.40 -5.42
CA LEU B 102 -5.97 -8.48 -5.71
C LEU B 102 -5.25 -8.86 -4.43
N ALA B 103 -5.34 -10.14 -4.07
CA ALA B 103 -4.75 -10.64 -2.85
C ALA B 103 -3.88 -11.83 -3.19
N THR B 104 -2.73 -11.92 -2.53
CA THR B 104 -1.80 -13.02 -2.80
C THR B 104 -0.99 -13.35 -1.56
N LEU B 105 -0.52 -14.59 -1.50
CA LEU B 105 0.33 -15.07 -0.43
C LEU B 105 1.79 -15.16 -0.88
N GLY B 106 2.04 -15.01 -2.18
CA GLY B 106 3.41 -15.02 -2.69
C GLY B 106 3.84 -16.38 -3.20
N LYS B 107 5.00 -16.42 -3.85
CA LYS B 107 5.41 -17.65 -4.52
C LYS B 107 6.01 -18.67 -3.55
N LYS B 108 6.48 -18.27 -2.39
CA LYS B 108 7.14 -19.24 -1.52
C LYS B 108 6.12 -20.23 -0.97
N VAL B 109 4.83 -19.89 -0.97
CA VAL B 109 3.81 -20.84 -0.52
C VAL B 109 3.72 -21.94 -1.52
N ASP B 110 3.68 -21.56 -2.80
CA ASP B 110 3.65 -22.55 -3.89
C ASP B 110 4.84 -23.50 -3.86
N GLU B 111 6.01 -22.96 -3.54
CA GLU B 111 7.24 -23.76 -3.48
C GLU B 111 7.21 -24.75 -2.32
N LYS B 112 6.71 -24.34 -1.17
CA LYS B 112 6.60 -25.26 -0.05
C LYS B 112 5.63 -26.41 -0.40
N ILE B 113 4.54 -26.07 -1.08
CA ILE B 113 3.58 -27.08 -1.47
C ILE B 113 4.16 -28.07 -2.48
N GLU B 114 4.85 -27.58 -3.49
CA GLU B 114 5.45 -28.49 -4.46
C GLU B 114 6.57 -29.32 -3.79
N GLU B 115 7.23 -28.71 -2.83
CA GLU B 115 8.31 -29.36 -2.08
C GLU B 115 7.82 -30.63 -1.35
N TYR B 116 6.66 -30.55 -0.72
CA TYR B 116 6.15 -31.67 0.04
C TYR B 116 5.49 -32.70 -0.84
N PHE B 117 4.83 -32.29 -1.91
CA PHE B 117 4.32 -33.26 -2.90
C PHE B 117 5.48 -34.09 -3.44
N ARG B 118 6.59 -33.44 -3.77
CA ARG B 118 7.75 -34.10 -4.37
C ARG B 118 8.43 -35.12 -3.42
N LYS B 119 8.43 -34.82 -2.13
CA LYS B 119 8.92 -35.75 -1.10
C LYS B 119 7.95 -36.86 -0.78
N GLY B 120 6.75 -36.79 -1.32
CA GLY B 120 5.74 -37.80 -1.09
C GLY B 120 5.04 -37.53 0.20
N GLU B 121 5.19 -36.31 0.72
CA GLU B 121 4.46 -35.86 1.89
C GLU B 121 3.13 -35.20 1.47
N ASP B 122 2.28 -35.99 0.87
CA ASP B 122 1.10 -35.52 0.18
C ASP B 122 0.00 -34.92 1.04
N LEU B 123 -0.28 -35.51 2.18
CA LEU B 123 -1.31 -34.95 3.04
C LEU B 123 -0.90 -33.58 3.55
N LEU B 124 0.34 -33.45 3.95
CA LEU B 124 0.86 -32.18 4.44
C LEU B 124 0.67 -31.12 3.38
N ALA B 125 1.03 -31.46 2.16
CA ALA B 125 0.98 -30.54 1.06
C ALA B 125 -0.48 -30.19 0.76
N PHE B 126 -1.35 -31.19 0.87
CA PHE B 126 -2.73 -31.05 0.45
C PHE B 126 -3.38 -30.07 1.40
N PHE B 127 -3.06 -30.23 2.65
CA PHE B 127 -3.58 -29.37 3.66
C PHE B 127 -3.01 -27.93 3.65
N ILE B 128 -1.71 -27.77 3.44
CA ILE B 128 -1.17 -26.43 3.32
C ILE B 128 -1.94 -25.74 2.21
N ASP B 129 -2.19 -26.44 1.10
CA ASP B 129 -2.88 -25.87 -0.04
C ASP B 129 -4.28 -25.42 0.32
N GLY B 130 -5.04 -26.32 0.94
CA GLY B 130 -6.41 -26.04 1.31
C GLY B 130 -6.48 -24.86 2.25
N ILE B 131 -5.67 -24.90 3.29
CA ILE B 131 -5.68 -23.78 4.22
C ILE B 131 -5.22 -22.43 3.58
N ALA B 132 -4.31 -22.49 2.62
CA ALA B 132 -3.73 -21.26 2.09
C ALA B 132 -4.83 -20.60 1.30
N SER B 133 -5.70 -21.45 0.78
CA SER B 133 -6.79 -21.00 -0.03
C SER B 133 -7.72 -20.12 0.82
N GLU B 134 -7.87 -20.47 2.08
CA GLU B 134 -8.67 -19.67 2.99
C GLU B 134 -7.85 -18.55 3.65
N MET B 135 -6.55 -18.71 3.82
CA MET B 135 -5.78 -17.57 4.34
C MET B 135 -5.83 -16.39 3.36
N VAL B 136 -5.72 -16.63 2.07
CA VAL B 136 -5.75 -15.55 1.12
C VAL B 136 -7.16 -14.94 1.00
N GLU B 137 -8.22 -15.77 1.10
CA GLU B 137 -9.58 -15.25 1.09
C GLU B 137 -9.76 -14.32 2.27
N TYR B 138 -9.26 -14.71 3.43
CA TYR B 138 -9.46 -13.91 4.62
C TYR B 138 -8.52 -12.69 4.76
N ALA B 139 -7.43 -12.69 4.02
CA ALA B 139 -6.58 -11.52 3.94
C ALA B 139 -7.43 -10.49 3.21
N LEU B 140 -8.04 -10.92 2.11
CA LEU B 140 -8.85 -10.06 1.26
C LEU B 140 -10.04 -9.47 2.00
N ARG B 141 -10.58 -10.22 2.97
CA ARG B 141 -11.77 -9.80 3.70
C ARG B 141 -11.41 -8.84 4.80
N LYS B 142 -10.17 -8.91 5.26
CA LYS B 142 -9.71 -7.98 6.28
C LYS B 142 -9.73 -6.59 5.68
N VAL B 143 -9.33 -6.47 4.43
CA VAL B 143 -9.18 -5.17 3.78
C VAL B 143 -10.51 -4.67 3.26
N ASP B 144 -11.29 -5.57 2.69
CA ASP B 144 -12.69 -5.32 2.34
C ASP B 144 -13.47 -4.75 3.53
N ALA B 145 -13.42 -5.40 4.66
CA ALA B 145 -14.10 -4.88 5.84
C ALA B 145 -13.61 -3.49 6.27
N GLU B 146 -12.34 -3.18 6.03
CA GLU B 146 -11.78 -1.89 6.37
C GLU B 146 -12.36 -0.83 5.48
N LEU B 147 -12.36 -1.07 4.19
CA LEU B 147 -12.87 -0.11 3.24
C LEU B 147 -14.38 0.12 3.43
N ARG B 148 -15.05 -0.74 4.18
CA ARG B 148 -16.49 -0.67 4.40
C ARG B 148 -16.81 0.19 5.59
N MET B 149 -16.10 -0.12 6.68
CA MET B 149 -16.21 0.62 7.93
C MET B 149 -15.82 2.09 7.71
N LYS B 150 -14.91 2.31 6.76
CA LYS B 150 -14.43 3.66 6.45
C LYS B 150 -15.50 4.39 5.68
N ARG B 151 -16.05 3.73 4.67
CA ARG B 151 -16.98 4.36 3.73
C ARG B 151 -18.44 4.16 4.17
N SER B 152 -18.78 4.71 5.35
CA SER B 152 -20.09 4.55 5.97
C SER B 152 -21.14 5.47 5.37
N ASN B 153 -20.73 6.36 4.48
CA ASN B 153 -21.68 7.04 3.61
C ASN B 153 -22.37 6.02 2.67
N LEU B 154 -21.62 4.98 2.28
CA LEU B 154 -22.04 4.06 1.21
C LEU B 154 -22.50 2.67 1.68
N GLU B 155 -23.39 2.08 0.87
CA GLU B 155 -23.86 0.70 1.01
C GLU B 155 -22.84 -0.14 0.30
N GLY B 156 -22.07 -0.90 1.09
CA GLY B 156 -21.14 -1.84 0.53
C GLY B 156 -21.86 -3.01 -0.14
N SER B 157 -21.66 -3.15 -1.44
CA SER B 157 -22.15 -4.31 -2.19
C SER B 157 -21.42 -5.54 -1.72
N PHE B 158 -21.31 -6.52 -2.62
CA PHE B 158 -20.52 -7.68 -2.31
C PHE B 158 -19.62 -8.21 -3.44
N ARG B 159 -18.62 -8.97 -3.00
CA ARG B 159 -17.47 -9.43 -3.78
C ARG B 159 -17.84 -10.32 -4.95
N ILE B 160 -17.20 -10.13 -6.09
CA ILE B 160 -17.38 -11.08 -7.17
C ILE B 160 -16.10 -11.17 -7.99
N SER B 161 -15.78 -12.36 -8.48
CA SER B 161 -14.47 -12.61 -9.02
C SER B 161 -14.59 -13.16 -10.41
N PRO B 162 -13.65 -12.86 -11.29
CA PRO B 162 -13.62 -13.46 -12.63
C PRO B 162 -13.80 -14.98 -12.59
N GLY B 163 -14.17 -15.56 -13.73
CA GLY B 163 -14.62 -16.94 -13.74
C GLY B 163 -15.94 -17.18 -13.03
N TYR B 164 -16.37 -16.30 -12.14
CA TYR B 164 -17.69 -16.51 -11.52
C TYR B 164 -18.77 -16.16 -12.55
N GLY B 165 -19.93 -16.81 -12.39
CA GLY B 165 -20.97 -16.79 -13.39
C GLY B 165 -20.42 -16.45 -14.75
N ASP B 166 -20.71 -15.23 -15.18
CA ASP B 166 -20.54 -14.82 -16.55
C ASP B 166 -19.25 -13.98 -16.79
N LEU B 167 -18.48 -13.73 -15.74
CA LEU B 167 -17.29 -12.93 -15.90
C LEU B 167 -16.18 -13.79 -16.46
N PRO B 168 -15.57 -13.36 -17.57
CA PRO B 168 -14.48 -14.12 -18.18
C PRO B 168 -13.26 -14.28 -17.26
N LEU B 169 -12.87 -15.53 -17.04
CA LEU B 169 -11.57 -15.83 -16.46
C LEU B 169 -10.50 -14.99 -17.16
N SER B 170 -10.84 -14.37 -18.29
CA SER B 170 -9.88 -13.58 -19.06
C SER B 170 -9.52 -12.29 -18.32
N LEU B 171 -10.43 -11.84 -17.47
CA LEU B 171 -10.24 -10.64 -16.64
C LEU B 171 -9.04 -10.72 -15.68
N ASN B 172 -8.64 -11.92 -15.31
CA ASN B 172 -7.47 -12.07 -14.49
C ASN B 172 -6.24 -11.60 -15.21
N LYS B 173 -6.19 -11.80 -16.52
CA LYS B 173 -5.08 -11.25 -17.30
C LYS B 173 -5.18 -9.72 -17.30
N LYS B 174 -6.41 -9.21 -17.25
CA LYS B 174 -6.64 -7.76 -17.16
C LYS B 174 -6.22 -7.32 -15.77
N ILE B 175 -7.03 -7.70 -14.79
CA ILE B 175 -6.80 -7.37 -13.40
C ILE B 175 -5.38 -7.60 -12.91
N ALA B 176 -4.57 -8.35 -13.64
CA ALA B 176 -3.18 -8.58 -13.24
C ALA B 176 -2.21 -7.65 -13.94
N GLU B 177 -2.63 -7.14 -15.10
CA GLU B 177 -1.79 -6.19 -15.81
C GLU B 177 -1.78 -4.87 -15.03
N ILE B 178 -2.92 -4.55 -14.44
CA ILE B 178 -3.04 -3.42 -13.55
C ILE B 178 -1.97 -3.44 -12.46
N PHE B 179 -1.95 -4.52 -11.69
CA PHE B 179 -1.06 -4.59 -10.55
C PHE B 179 0.28 -5.22 -10.87
N LYS B 180 0.57 -5.46 -12.14
CA LYS B 180 1.78 -6.22 -12.50
C LYS B 180 3.05 -5.58 -12.01
N GLU B 181 3.02 -4.27 -11.82
CA GLU B 181 4.24 -3.54 -11.45
C GLU B 181 4.38 -3.45 -9.92
N GLU B 182 3.27 -3.63 -9.22
CA GLU B 182 3.23 -3.43 -7.76
C GLU B 182 3.51 -4.70 -6.96
N VAL B 183 3.42 -5.85 -7.62
CA VAL B 183 3.52 -7.15 -6.97
C VAL B 183 3.84 -8.22 -8.01
N ASP B 184 4.63 -9.18 -7.57
CA ASP B 184 5.05 -10.31 -8.38
C ASP B 184 3.87 -11.19 -8.78
N VAL B 185 3.21 -10.87 -9.89
CA VAL B 185 2.06 -11.62 -10.39
C VAL B 185 2.05 -11.74 -11.91
N ASN B 186 1.40 -12.79 -12.41
CA ASN B 186 1.41 -13.12 -13.83
C ASN B 186 0.28 -14.07 -14.17
N VAL B 187 0.34 -14.65 -15.36
CA VAL B 187 -0.66 -15.64 -15.80
C VAL B 187 0.00 -16.70 -16.68
N ILE B 188 -0.86 -17.58 -17.25
CA ILE B 188 -0.49 -18.67 -18.21
C ILE B 188 -1.59 -18.87 -19.33
N GLU B 189 -1.11 -18.71 -20.58
CA GLU B 189 -1.63 -18.76 -21.98
C GLU B 189 -3.07 -19.24 -22.41
N ASP B 190 -3.65 -20.24 -21.74
CA ASP B 190 -4.94 -20.76 -22.22
C ASP B 190 -6.10 -20.55 -21.27
N SER B 191 -5.83 -20.88 -20.02
CA SER B 191 -6.82 -20.78 -18.99
C SER B 191 -6.83 -19.44 -18.29
N TYR B 192 -5.69 -18.77 -18.33
CA TYR B 192 -5.56 -17.47 -17.66
C TYR B 192 -5.54 -17.70 -16.13
N VAL B 193 -4.77 -18.69 -15.67
CA VAL B 193 -4.71 -19.02 -14.25
C VAL B 193 -3.60 -18.18 -13.64
N LEU B 194 -3.84 -17.67 -12.45
CA LEU B 194 -2.88 -16.77 -11.80
C LEU B 194 -1.69 -17.49 -11.14
N VAL B 195 -0.50 -16.90 -11.26
CA VAL B 195 0.69 -17.32 -10.51
C VAL B 195 1.30 -16.11 -9.83
N PRO B 196 1.72 -16.22 -8.56
CA PRO B 196 1.61 -17.44 -7.75
C PRO B 196 0.18 -17.91 -7.51
N ARG B 197 0.02 -19.19 -7.20
CA ARG B 197 -1.28 -19.87 -7.31
C ARG B 197 -2.28 -19.46 -6.24
N LYS B 198 -1.81 -19.10 -5.06
CA LYS B 198 -2.67 -18.62 -4.00
C LYS B 198 -2.83 -17.12 -4.12
N THR B 199 -3.48 -16.76 -5.19
CA THR B 199 -3.70 -15.40 -5.58
C THR B 199 -5.11 -15.34 -6.07
N ILE B 200 -5.80 -14.30 -5.64
CA ILE B 200 -7.21 -14.17 -5.88
C ILE B 200 -7.61 -12.74 -6.25
N THR B 201 -8.84 -12.61 -6.72
CA THR B 201 -9.35 -11.36 -7.27
C THR B 201 -10.82 -11.12 -6.88
N ALA B 202 -11.23 -9.86 -6.87
CA ALA B 202 -12.60 -9.50 -6.56
C ALA B 202 -13.01 -8.10 -7.03
N PHE B 203 -14.28 -7.79 -6.75
CA PHE B 203 -14.97 -6.56 -7.18
C PHE B 203 -15.91 -6.19 -6.09
N VAL B 204 -15.92 -4.91 -5.74
CA VAL B 204 -16.94 -4.42 -4.84
C VAL B 204 -17.52 -3.17 -5.43
N GLY B 205 -18.83 -2.99 -5.21
CA GLY B 205 -19.51 -1.76 -5.58
C GLY B 205 -19.99 -1.08 -4.32
N TRP B 206 -20.13 0.23 -4.41
CA TRP B 206 -20.60 1.07 -3.31
C TRP B 206 -21.73 1.91 -3.85
N ARG B 207 -22.90 1.83 -3.21
CA ARG B 207 -24.09 2.59 -3.66
C ARG B 207 -24.28 3.83 -2.79
#